data_7Q8J
#
_entry.id   7Q8J
#
_cell.length_a   93.82
_cell.length_b   93.82
_cell.length_c   125.63
_cell.angle_alpha   90.00
_cell.angle_beta   90.00
_cell.angle_gamma   90.00
#
_symmetry.space_group_name_H-M   'P 43 21 2'
#
loop_
_entity.id
_entity.type
_entity.pdbx_description
1 polymer 'Cathepsin L2'
2 polymer 'IILKEK Peptide'
3 polymer 'EYS Peptide'
4 non-polymer GLYCEROL
5 non-polymer (4S)-2-METHYL-2,4-PENTANEDIOL
6 water water
#
loop_
_entity_poly.entity_id
_entity_poly.type
_entity_poly.pdbx_seq_one_letter_code
_entity_poly.pdbx_strand_id
1 'polypeptide(L)'
;DLPKSVDWRKKGYVTPVKNQKQCGSSWAFSATGALEGQMFRKTGKLVSLSEQNLVDCSRPQGNQGCNGGFMARAFQYVKE
NGGLDSEESYPYVAVDEICKYRPENSVAQDTGFTVVAPGKEKALMKAVATVGPISVAMDAGHSSFQFYKSGIYFEPDCSS
KNLDHGVLVVGYGFEGANSQNSKYWLVKNSWGPEWGSNGYVKIAKDKNNHCGIATAASYPNV
;
AA,BA
2 'polypeptide(L)' IILKEK PA,A
3 'polypeptide(L)' EYS PB
#
loop_
_chem_comp.id
_chem_comp.type
_chem_comp.name
_chem_comp.formula
GOL non-polymer GLYCEROL 'C3 H8 O3'
MPD non-polymer (4S)-2-METHYL-2,4-PENTANEDIOL 'C6 H14 O2'
#
# COMPACT_ATOMS: atom_id res chain seq x y z
N ASP A 1 5.87 24.75 8.41
CA ASP A 1 4.49 24.68 7.96
C ASP A 1 4.12 23.24 7.63
N LEU A 2 2.87 22.96 7.24
CA LEU A 2 2.55 21.56 6.96
C LEU A 2 3.04 21.04 5.62
N PRO A 3 3.38 19.75 5.56
CA PRO A 3 3.83 19.21 4.26
C PRO A 3 2.77 19.33 3.16
N LYS A 4 3.24 19.35 1.90
CA LYS A 4 2.41 19.46 0.74
C LYS A 4 1.70 18.10 0.50
N SER A 5 2.39 17.04 0.94
CA SER A 5 1.83 15.69 0.74
C SER A 5 2.36 14.82 1.86
N VAL A 6 1.57 13.79 2.25
CA VAL A 6 1.89 12.86 3.31
C VAL A 6 1.32 11.51 2.91
N ASP A 7 2.11 10.43 3.12
CA ASP A 7 1.58 9.10 2.82
C ASP A 7 2.21 8.18 3.87
N TRP A 8 1.47 7.90 4.96
CA TRP A 8 2.00 7.07 6.02
C TRP A 8 2.28 5.58 5.61
N ARG A 9 1.71 5.12 4.50
CA ARG A 9 1.98 3.74 4.03
C ARG A 9 3.44 3.64 3.66
N LYS A 10 4.04 4.75 3.22
CA LYS A 10 5.46 4.69 2.81
C LYS A 10 6.42 4.71 3.99
N LYS A 11 5.87 4.84 5.19
CA LYS A 11 6.68 4.89 6.35
C LYS A 11 6.52 3.66 7.28
N GLY A 12 5.69 2.68 6.87
CA GLY A 12 5.52 1.43 7.62
C GLY A 12 4.42 1.42 8.65
N TYR A 13 3.61 2.48 8.71
CA TYR A 13 2.52 2.63 9.72
C TYR A 13 1.25 1.88 9.37
N VAL A 14 1.11 1.34 8.15
CA VAL A 14 -0.20 0.81 7.71
C VAL A 14 -0.14 -0.66 7.30
N THR A 15 -1.05 -1.45 7.83
CA THR A 15 -1.11 -2.85 7.43
C THR A 15 -1.76 -3.10 6.08
N PRO A 16 -1.64 -4.33 5.54
CA PRO A 16 -2.31 -4.54 4.25
C PRO A 16 -3.83 -4.36 4.39
N VAL A 17 -4.51 -4.15 3.23
CA VAL A 17 -5.96 -3.95 3.20
C VAL A 17 -6.71 -5.16 3.63
N LYS A 18 -7.67 -4.93 4.53
CA LYS A 18 -8.51 -6.01 5.02
C LYS A 18 -9.90 -5.99 4.40
N ASN A 19 -10.72 -6.98 4.74
CA ASN A 19 -12.07 -7.08 4.20
C ASN A 19 -13.11 -7.38 5.28
N GLN A 20 -14.02 -6.47 5.51
CA GLN A 20 -15.05 -6.65 6.50
C GLN A 20 -16.11 -7.66 6.08
N LYS A 21 -16.19 -7.97 4.82
CA LYS A 21 -17.16 -8.90 4.31
C LYS A 21 -18.61 -8.47 4.60
N GLN A 22 -19.50 -9.39 4.86
CA GLN A 22 -20.88 -9.06 5.12
C GLN A 22 -21.24 -8.53 6.50
N CYS A 23 -20.30 -8.09 7.25
CA CYS A 23 -20.53 -7.56 8.56
C CYS A 23 -20.36 -6.04 8.57
N GLY A 24 -21.30 -5.30 9.19
CA GLY A 24 -21.18 -3.86 9.22
C GLY A 24 -20.22 -3.40 10.29
N SER A 25 -18.98 -3.74 10.09
CA SER A 25 -17.92 -3.41 11.00
C SER A 25 -16.83 -2.44 10.52
N SER A 26 -17.15 -1.59 9.56
CA SER A 26 -16.15 -0.64 9.07
C SER A 26 -15.58 0.17 10.23
N TRP A 27 -16.43 0.47 11.18
CA TRP A 27 -16.01 1.23 12.33
C TRP A 27 -14.87 0.57 13.06
N ALA A 28 -14.91 -0.74 13.12
CA ALA A 28 -13.89 -1.55 13.78
C ALA A 28 -12.55 -1.56 13.02
N PHE A 29 -12.67 -1.61 11.67
CA PHE A 29 -11.45 -1.58 10.85
C PHE A 29 -10.86 -0.17 10.89
N SER A 30 -11.70 0.86 10.93
CA SER A 30 -11.14 2.20 11.01
C SER A 30 -10.39 2.37 12.32
N ALA A 31 -11.04 1.90 13.43
CA ALA A 31 -10.39 1.99 14.74
C ALA A 31 -9.10 1.19 14.84
N THR A 32 -9.08 -0.08 14.35
CA THR A 32 -7.84 -0.81 14.40
C THR A 32 -6.73 -0.18 13.50
N GLY A 33 -7.10 0.37 12.36
CA GLY A 33 -6.11 1.04 11.50
C GLY A 33 -5.40 2.16 12.24
N ALA A 34 -6.22 3.03 12.90
CA ALA A 34 -5.62 4.15 13.63
C ALA A 34 -4.76 3.67 14.74
N LEU A 35 -5.21 2.63 15.49
CA LEU A 35 -4.43 2.07 16.55
C LEU A 35 -3.10 1.37 16.11
N GLU A 36 -3.16 0.71 14.91
CA GLU A 36 -1.98 0.06 14.34
C GLU A 36 -0.93 1.18 14.06
N GLY A 37 -1.34 2.36 13.57
CA GLY A 37 -0.38 3.43 13.26
C GLY A 37 0.24 4.01 14.53
N GLN A 38 -0.59 4.22 15.55
CA GLN A 38 -0.04 4.74 16.80
C GLN A 38 0.84 3.75 17.51
N MET A 39 0.49 2.47 17.48
CA MET A 39 1.42 1.52 18.09
C MET A 39 2.73 1.40 17.41
N PHE A 40 2.69 1.61 16.07
CA PHE A 40 3.92 1.55 15.31
C PHE A 40 4.76 2.72 15.64
N ARG A 41 4.17 3.88 15.76
CA ARG A 41 4.95 5.04 16.13
C ARG A 41 5.59 4.94 17.51
N LYS A 42 4.87 4.33 18.44
CA LYS A 42 5.43 4.17 19.77
C LYS A 42 6.51 3.08 19.93
N THR A 43 6.39 1.96 19.22
CA THR A 43 7.29 0.81 19.37
C THR A 43 8.11 0.39 18.17
N GLY A 44 7.78 0.91 16.99
CA GLY A 44 8.50 0.51 15.79
C GLY A 44 8.08 -0.86 15.29
N LYS A 45 7.00 -1.42 15.86
CA LYS A 45 6.47 -2.71 15.42
C LYS A 45 5.06 -2.60 14.82
N LEU A 46 4.91 -3.13 13.59
CA LEU A 46 3.59 -3.07 12.96
C LEU A 46 2.90 -4.41 13.22
N VAL A 47 1.80 -4.42 13.99
CA VAL A 47 1.10 -5.67 14.32
C VAL A 47 -0.38 -5.52 13.97
N SER A 48 -0.89 -6.42 13.15
CA SER A 48 -2.31 -6.33 12.77
C SER A 48 -3.21 -6.59 14.02
N LEU A 49 -4.16 -5.68 14.30
CA LEU A 49 -5.03 -5.77 15.48
C LEU A 49 -6.37 -6.43 15.17
N SER A 50 -7.05 -6.92 16.22
CA SER A 50 -8.33 -7.65 16.11
C SER A 50 -9.61 -6.86 16.04
N GLU A 51 -10.22 -6.76 14.77
CA GLU A 51 -11.52 -6.13 14.64
C GLU A 51 -12.62 -7.00 15.32
N GLN A 52 -12.40 -8.32 15.27
CA GLN A 52 -13.33 -9.22 15.92
C GLN A 52 -13.43 -8.98 17.43
N ASN A 53 -12.31 -8.66 18.06
CA ASN A 53 -12.23 -8.38 19.48
C ASN A 53 -13.17 -7.19 19.69
N LEU A 54 -13.12 -6.19 18.81
CA LEU A 54 -14.00 -5.05 18.97
C LEU A 54 -15.46 -5.39 18.69
N VAL A 55 -15.72 -6.14 17.65
CA VAL A 55 -17.07 -6.52 17.30
C VAL A 55 -17.73 -7.31 18.44
N ASP A 56 -17.05 -8.29 18.98
CA ASP A 56 -17.63 -9.08 20.06
C ASP A 56 -17.72 -8.50 21.45
N CYS A 57 -16.78 -7.66 21.82
CA CYS A 57 -16.73 -7.04 23.13
C CYS A 57 -17.12 -5.65 23.45
N SER A 58 -17.28 -4.81 22.49
CA SER A 58 -17.63 -3.45 22.81
C SER A 58 -19.05 -3.00 22.86
N ARG A 59 -20.01 -3.90 23.11
CA ARG A 59 -21.39 -3.47 23.16
C ARG A 59 -21.63 -2.53 24.35
N PRO A 60 -20.96 -2.72 25.47
CA PRO A 60 -21.19 -1.81 26.60
C PRO A 60 -20.89 -0.36 26.31
N GLN A 61 -20.00 -0.08 25.36
CA GLN A 61 -19.62 1.26 24.97
C GLN A 61 -20.56 1.83 23.93
N GLY A 62 -21.58 1.07 23.54
CA GLY A 62 -22.52 1.53 22.56
C GLY A 62 -22.33 0.98 21.18
N ASN A 63 -21.35 0.12 20.94
CA ASN A 63 -21.22 -0.39 19.58
C ASN A 63 -22.25 -1.48 19.38
N GLN A 64 -22.57 -1.77 18.13
CA GLN A 64 -23.53 -2.79 17.78
C GLN A 64 -22.99 -3.91 16.90
N GLY A 65 -21.77 -4.31 17.14
CA GLY A 65 -21.14 -5.37 16.37
C GLY A 65 -21.28 -5.27 14.88
N CYS A 66 -21.82 -6.30 14.24
CA CYS A 66 -22.01 -6.30 12.81
C CYS A 66 -23.10 -5.38 12.32
N ASN A 67 -23.78 -4.72 13.23
CA ASN A 67 -24.82 -3.83 12.82
C ASN A 67 -24.31 -2.41 12.80
N GLY A 68 -23.17 -2.12 13.37
CA GLY A 68 -22.69 -0.76 13.36
C GLY A 68 -21.96 -0.36 14.61
N GLY A 69 -21.40 0.82 14.61
CA GLY A 69 -20.69 1.29 15.77
C GLY A 69 -19.94 2.54 15.44
N PHE A 70 -19.05 2.95 16.31
CA PHE A 70 -18.28 4.15 16.08
C PHE A 70 -16.86 4.03 16.56
N MET A 71 -15.94 4.67 15.85
CA MET A 71 -14.57 4.57 16.28
C MET A 71 -14.23 5.09 17.66
N ALA A 72 -14.80 6.25 18.02
CA ALA A 72 -14.52 6.79 19.37
C ALA A 72 -14.99 5.81 20.46
N ARG A 73 -16.09 5.10 20.19
CA ARG A 73 -16.56 4.11 21.17
C ARG A 73 -15.57 2.96 21.22
N ALA A 74 -14.97 2.56 20.04
CA ALA A 74 -13.99 1.53 20.11
C ALA A 74 -12.75 1.90 20.90
N PHE A 75 -12.28 3.18 20.75
CA PHE A 75 -11.12 3.59 21.53
C PHE A 75 -11.46 3.64 23.02
N GLN A 76 -12.65 3.94 23.37
CA GLN A 76 -13.11 4.01 24.74
C GLN A 76 -13.09 2.57 25.22
N TYR A 77 -13.64 1.67 24.45
CA TYR A 77 -13.59 0.31 24.89
C TYR A 77 -12.19 -0.11 25.18
N VAL A 78 -11.22 0.26 24.29
CA VAL A 78 -9.86 -0.13 24.50
C VAL A 78 -9.27 0.42 25.82
N LYS A 79 -9.65 1.65 26.07
CA LYS A 79 -9.21 2.35 27.29
C LYS A 79 -9.80 1.63 28.53
N GLU A 80 -11.13 1.52 28.55
CA GLU A 80 -11.85 0.91 29.70
C GLU A 80 -11.45 -0.54 29.94
N ASN A 81 -11.20 -1.26 28.85
CA ASN A 81 -10.84 -2.66 28.87
C ASN A 81 -9.41 -2.95 29.20
N GLY A 82 -8.52 -1.98 29.00
CA GLY A 82 -7.11 -2.16 29.27
C GLY A 82 -6.26 -2.81 28.20
N GLY A 83 -6.81 -2.97 27.00
CA GLY A 83 -6.05 -3.61 25.93
C GLY A 83 -6.94 -4.05 24.77
N LEU A 84 -6.25 -4.59 23.78
CA LEU A 84 -6.84 -5.09 22.51
C LEU A 84 -5.96 -6.17 21.96
N ASP A 85 -6.56 -7.33 21.58
CA ASP A 85 -5.79 -8.45 21.11
C ASP A 85 -5.28 -8.34 19.63
N SER A 86 -4.27 -9.11 19.27
CA SER A 86 -3.77 -9.14 17.90
C SER A 86 -4.75 -9.90 17.01
N GLU A 87 -4.73 -9.63 15.70
CA GLU A 87 -5.59 -10.34 14.76
C GLU A 87 -5.23 -11.81 14.75
N GLU A 88 -3.94 -12.13 14.86
CA GLU A 88 -3.58 -13.54 14.80
C GLU A 88 -4.09 -14.34 15.99
N SER A 89 -4.25 -13.67 17.12
CA SER A 89 -4.75 -14.31 18.35
C SER A 89 -6.27 -14.29 18.47
N TYR A 90 -6.97 -13.42 17.69
CA TYR A 90 -8.41 -13.28 17.78
C TYR A 90 -8.82 -12.97 16.33
N PRO A 91 -8.91 -14.01 15.50
CA PRO A 91 -9.26 -13.79 14.10
C PRO A 91 -10.61 -13.31 13.75
N TYR A 92 -10.64 -12.73 12.51
CA TYR A 92 -11.87 -12.14 12.04
C TYR A 92 -12.76 -13.14 11.31
N VAL A 93 -14.01 -13.23 11.73
CA VAL A 93 -14.98 -14.15 11.14
C VAL A 93 -16.20 -13.53 10.59
N ALA A 94 -16.28 -12.19 10.65
CA ALA A 94 -17.40 -11.46 10.05
C ALA A 94 -18.80 -11.77 10.55
N VAL A 95 -18.94 -12.13 11.80
CA VAL A 95 -20.22 -12.43 12.44
C VAL A 95 -20.07 -12.10 13.91
N ASP A 96 -21.15 -11.73 14.59
CA ASP A 96 -21.13 -11.38 16.00
C ASP A 96 -20.92 -12.65 16.80
N GLU A 97 -19.91 -12.74 17.63
CA GLU A 97 -19.67 -13.94 18.41
C GLU A 97 -19.44 -13.58 19.88
N ILE A 98 -19.17 -14.58 20.69
CA ILE A 98 -18.92 -14.41 22.11
C ILE A 98 -17.62 -13.70 22.34
N CYS A 99 -17.61 -12.74 23.25
CA CYS A 99 -16.42 -11.99 23.57
C CYS A 99 -15.38 -12.91 24.15
N LYS A 100 -14.25 -13.01 23.50
CA LYS A 100 -13.17 -13.86 23.98
C LYS A 100 -11.88 -13.10 24.16
N TYR A 101 -12.00 -11.92 24.69
CA TYR A 101 -10.83 -11.10 24.90
C TYR A 101 -9.89 -11.76 25.87
N ARG A 102 -8.64 -11.80 25.51
CA ARG A 102 -7.61 -12.38 26.32
C ARG A 102 -6.52 -11.41 26.67
N PRO A 103 -6.43 -10.96 27.90
CA PRO A 103 -5.37 -10.01 28.22
C PRO A 103 -3.96 -10.42 27.89
N GLU A 104 -3.64 -11.67 27.94
CA GLU A 104 -2.29 -12.11 27.65
C GLU A 104 -1.93 -11.99 26.19
N ASN A 105 -2.96 -11.77 25.35
CA ASN A 105 -2.77 -11.63 23.92
C ASN A 105 -2.89 -10.16 23.48
N SER A 106 -2.94 -9.24 24.43
CA SER A 106 -3.07 -7.81 24.11
C SER A 106 -1.75 -7.24 23.61
N VAL A 107 -1.82 -6.53 22.47
CA VAL A 107 -0.63 -5.91 21.88
C VAL A 107 -0.86 -4.41 21.64
N ALA A 108 -1.94 -3.88 22.16
CA ALA A 108 -2.23 -2.47 22.05
C ALA A 108 -3.00 -1.90 23.25
N GLN A 109 -2.82 -0.60 23.56
CA GLN A 109 -3.57 0.07 24.62
C GLN A 109 -3.73 1.52 24.25
N ASP A 110 -4.71 2.17 24.79
CA ASP A 110 -4.87 3.62 24.63
C ASP A 110 -5.44 4.24 25.91
N THR A 111 -5.31 5.56 26.04
CA THR A 111 -5.80 6.24 27.28
C THR A 111 -7.01 7.08 27.02
N GLY A 112 -7.61 6.86 25.86
CA GLY A 112 -8.74 7.65 25.43
C GLY A 112 -8.36 8.08 24.04
N PHE A 113 -8.91 9.17 23.61
CA PHE A 113 -8.63 9.59 22.22
C PHE A 113 -8.77 11.10 22.10
N THR A 114 -8.29 11.67 20.96
CA THR A 114 -8.41 13.09 20.63
C THR A 114 -9.34 13.24 19.44
N VAL A 115 -10.24 14.21 19.47
CA VAL A 115 -11.14 14.49 18.36
C VAL A 115 -10.63 15.69 17.56
N VAL A 116 -10.75 15.64 16.25
CA VAL A 116 -10.46 16.76 15.39
C VAL A 116 -11.71 17.64 15.30
N ALA A 117 -11.50 18.94 15.43
CA ALA A 117 -12.61 19.90 15.36
C ALA A 117 -13.55 19.57 14.19
N PRO A 118 -14.84 19.31 14.46
CA PRO A 118 -15.77 18.98 13.38
C PRO A 118 -15.85 19.95 12.22
N GLY A 119 -15.80 19.36 11.02
CA GLY A 119 -15.89 20.10 9.76
C GLY A 119 -14.65 20.85 9.37
N LYS A 120 -13.58 20.77 10.17
CA LYS A 120 -12.42 21.54 9.77
C LYS A 120 -11.37 20.72 8.98
N GLU A 121 -11.42 20.73 7.65
CA GLU A 121 -10.42 20.00 6.87
C GLU A 121 -8.98 20.43 7.17
N LYS A 122 -8.77 21.72 7.48
CA LYS A 122 -7.44 22.12 7.78
C LYS A 122 -6.91 21.55 9.06
N ALA A 123 -7.83 21.34 10.03
CA ALA A 123 -7.43 20.73 11.28
C ALA A 123 -7.13 19.22 11.07
N LEU A 124 -7.93 18.61 10.20
CA LEU A 124 -7.72 17.19 9.82
C LEU A 124 -6.36 17.09 9.16
N MET A 125 -6.04 18.04 8.25
CA MET A 125 -4.70 18.03 7.60
C MET A 125 -3.56 18.12 8.64
N LYS A 126 -3.69 19.02 9.62
CA LYS A 126 -2.72 19.15 10.66
C LYS A 126 -2.59 17.83 11.45
N ALA A 127 -3.74 17.16 11.75
CA ALA A 127 -3.65 15.90 12.48
C ALA A 127 -2.93 14.78 11.67
N VAL A 128 -3.32 14.64 10.41
CA VAL A 128 -2.71 13.64 9.52
C VAL A 128 -1.20 13.85 9.45
N ALA A 129 -0.80 15.11 9.24
CA ALA A 129 0.62 15.41 9.10
C ALA A 129 1.48 15.19 10.36
N THR A 130 0.91 15.42 11.58
CA THR A 130 1.66 15.34 12.81
C THR A 130 1.56 14.07 13.60
N VAL A 131 0.43 13.34 13.45
CA VAL A 131 0.12 12.18 14.28
C VAL A 131 0.29 10.84 13.61
N GLY A 132 -0.27 10.71 12.43
CA GLY A 132 -0.28 9.42 11.77
C GLY A 132 -1.67 9.28 11.15
N PRO A 133 -2.01 8.05 10.73
CA PRO A 133 -3.33 7.80 10.12
C PRO A 133 -4.47 8.18 11.11
N ILE A 134 -5.52 8.78 10.60
CA ILE A 134 -6.65 9.28 11.41
C ILE A 134 -7.93 8.55 11.08
N SER A 135 -8.73 8.15 12.12
CA SER A 135 -10.05 7.49 11.81
C SER A 135 -11.10 8.53 11.40
N VAL A 136 -11.83 8.34 10.32
CA VAL A 136 -12.86 9.30 9.90
C VAL A 136 -14.13 8.57 9.47
N ALA A 137 -15.25 9.26 9.61
CA ALA A 137 -16.54 8.76 9.11
C ALA A 137 -16.84 9.48 7.81
N MET A 138 -17.58 8.84 6.92
CA MET A 138 -17.92 9.43 5.64
C MET A 138 -19.25 8.86 5.18
N ASP A 139 -19.82 9.51 4.20
CA ASP A 139 -21.03 9.01 3.55
C ASP A 139 -20.61 8.16 2.33
N ALA A 140 -20.64 6.86 2.51
CA ALA A 140 -20.26 5.94 1.46
C ALA A 140 -21.42 5.25 0.73
N GLY A 141 -22.64 5.59 1.05
CA GLY A 141 -23.77 4.96 0.40
C GLY A 141 -24.11 5.42 -0.99
N HIS A 142 -23.25 5.19 -1.91
CA HIS A 142 -23.44 5.57 -3.28
C HIS A 142 -22.96 4.54 -4.23
N SER A 143 -23.66 4.32 -5.33
CA SER A 143 -23.14 3.30 -6.21
C SER A 143 -21.84 3.77 -6.84
N SER A 144 -21.65 5.08 -6.95
CA SER A 144 -20.42 5.58 -7.53
C SER A 144 -19.24 5.16 -6.65
N PHE A 145 -19.44 5.09 -5.36
CA PHE A 145 -18.37 4.69 -4.45
C PHE A 145 -18.19 3.19 -4.52
N GLN A 146 -19.26 2.46 -4.58
CA GLN A 146 -19.18 1.04 -4.66
C GLN A 146 -18.37 0.62 -5.92
N PHE A 147 -18.59 1.34 -7.01
CA PHE A 147 -17.90 1.05 -8.24
C PHE A 147 -16.69 1.93 -8.49
N TYR A 148 -16.22 2.65 -7.50
CA TYR A 148 -15.05 3.51 -7.68
C TYR A 148 -13.80 2.78 -8.18
N LYS A 149 -13.03 3.38 -9.07
CA LYS A 149 -11.84 2.70 -9.52
C LYS A 149 -10.53 3.43 -9.56
N SER A 150 -10.54 4.66 -10.00
CA SER A 150 -9.36 5.48 -10.09
C SER A 150 -9.71 6.91 -10.03
N GLY A 151 -8.70 7.74 -9.85
CA GLY A 151 -8.89 9.17 -9.79
C GLY A 151 -9.43 9.76 -8.52
N ILE A 152 -9.76 11.03 -8.58
CA ILE A 152 -10.28 11.68 -7.41
C ILE A 152 -11.77 11.52 -7.32
N TYR A 153 -12.24 10.98 -6.20
CA TYR A 153 -13.66 10.70 -6.04
C TYR A 153 -14.41 11.94 -5.67
N PHE A 154 -15.41 12.31 -6.42
CA PHE A 154 -16.19 13.48 -6.09
C PHE A 154 -17.58 13.12 -6.47
N GLU A 155 -18.45 13.15 -5.53
CA GLU A 155 -19.82 12.81 -5.74
C GLU A 155 -20.88 13.81 -5.30
N PRO A 156 -21.56 14.45 -6.26
CA PRO A 156 -22.57 15.41 -5.86
C PRO A 156 -23.58 14.91 -4.86
N ASP A 157 -23.97 13.66 -4.84
CA ASP A 157 -24.95 13.26 -3.83
C ASP A 157 -24.42 13.08 -2.44
N CYS A 158 -23.14 13.21 -2.22
CA CYS A 158 -22.57 13.04 -0.91
C CYS A 158 -22.99 14.01 0.17
N SER A 159 -23.21 13.53 1.35
CA SER A 159 -23.61 14.36 2.44
C SER A 159 -22.41 14.53 3.38
N SER A 160 -22.35 15.64 4.07
CA SER A 160 -21.30 15.92 5.01
C SER A 160 -21.77 15.68 6.40
N LYS A 161 -23.06 15.42 6.56
CA LYS A 161 -23.64 15.16 7.86
C LYS A 161 -24.24 13.80 8.05
N ASN A 162 -24.85 13.21 7.04
CA ASN A 162 -25.43 11.87 7.25
C ASN A 162 -24.35 10.89 6.81
N LEU A 163 -23.63 10.37 7.75
CA LEU A 163 -22.51 9.41 7.52
C LEU A 163 -22.82 7.97 7.89
N ASP A 164 -22.19 7.01 7.20
CA ASP A 164 -22.55 5.62 7.43
C ASP A 164 -21.37 4.65 7.26
N HIS A 165 -20.13 5.17 7.21
CA HIS A 165 -18.99 4.23 6.97
C HIS A 165 -17.73 4.79 7.62
N GLY A 166 -16.99 3.95 8.33
CA GLY A 166 -15.72 4.39 8.95
C GLY A 166 -14.57 3.92 8.06
N VAL A 167 -13.63 4.85 7.81
CA VAL A 167 -12.45 4.59 6.98
C VAL A 167 -11.20 5.18 7.66
N LEU A 168 -10.05 5.10 7.00
CA LEU A 168 -8.83 5.60 7.59
C LEU A 168 -8.08 6.50 6.66
N VAL A 169 -7.86 7.76 7.07
CA VAL A 169 -7.09 8.66 6.19
C VAL A 169 -5.61 8.41 6.53
N VAL A 170 -4.87 7.94 5.51
CA VAL A 170 -3.46 7.60 5.71
C VAL A 170 -2.56 8.68 5.11
N GLY A 171 -3.14 9.71 4.51
CA GLY A 171 -2.32 10.76 3.95
C GLY A 171 -3.20 11.68 3.15
N TYR A 172 -2.52 12.54 2.39
CA TYR A 172 -3.16 13.48 1.49
C TYR A 172 -2.17 13.93 0.41
N GLY A 173 -2.65 14.52 -0.63
CA GLY A 173 -1.76 14.97 -1.68
C GLY A 173 -2.50 15.77 -2.74
N PHE A 174 -1.86 15.88 -3.89
CA PHE A 174 -2.45 16.65 -4.98
C PHE A 174 -2.04 16.07 -6.30
N GLU A 175 -2.74 16.46 -7.35
CA GLU A 175 -2.28 16.00 -8.64
C GLU A 175 -1.64 17.12 -9.43
N GLY A 176 -0.49 16.84 -10.02
CA GLY A 176 0.26 17.82 -10.79
C GLY A 176 1.48 18.35 -10.07
N ALA A 177 1.87 19.58 -10.38
CA ALA A 177 3.01 20.22 -9.74
C ALA A 177 2.59 21.31 -8.73
N ASN A 178 1.37 21.86 -8.88
CA ASN A 178 0.86 22.87 -7.94
C ASN A 178 0.26 22.13 -6.76
N SER A 179 0.76 22.40 -5.56
CA SER A 179 0.31 21.70 -4.37
C SER A 179 -1.07 22.09 -3.88
N GLN A 180 -1.66 23.10 -4.49
CA GLN A 180 -2.96 23.57 -4.06
C GLN A 180 -4.10 23.26 -5.00
N ASN A 181 -3.83 22.51 -6.06
CA ASN A 181 -4.92 22.15 -6.97
C ASN A 181 -5.12 20.65 -7.05
N SER A 182 -6.35 20.22 -7.34
CA SER A 182 -6.73 18.82 -7.44
C SER A 182 -6.23 18.06 -6.21
N LYS A 183 -6.55 18.56 -5.04
CA LYS A 183 -6.13 17.91 -3.80
C LYS A 183 -6.99 16.74 -3.40
N TYR A 184 -6.42 15.86 -2.60
CA TYR A 184 -7.22 14.72 -2.19
C TYR A 184 -6.72 14.13 -0.89
N TRP A 185 -7.63 13.42 -0.21
CA TRP A 185 -7.31 12.63 0.99
C TRP A 185 -7.08 11.17 0.49
N LEU A 186 -6.02 10.53 1.03
CA LEU A 186 -5.69 9.11 0.70
C LEU A 186 -6.39 8.32 1.81
N VAL A 187 -7.35 7.53 1.41
CA VAL A 187 -8.19 6.79 2.35
C VAL A 187 -8.11 5.30 2.10
N LYS A 188 -7.89 4.59 3.20
CA LYS A 188 -7.86 3.10 3.19
C LYS A 188 -9.27 2.65 3.54
N ASN A 189 -9.83 1.77 2.75
CA ASN A 189 -11.15 1.19 3.02
C ASN A 189 -10.97 -0.23 3.56
N SER A 190 -12.11 -0.92 3.85
CA SER A 190 -12.07 -2.28 4.44
C SER A 190 -12.96 -3.20 3.59
N TRP A 191 -12.87 -3.03 2.26
CA TRP A 191 -13.62 -3.84 1.30
C TRP A 191 -12.73 -4.74 0.51
N GLY A 192 -11.51 -5.00 1.05
CA GLY A 192 -10.57 -5.85 0.34
C GLY A 192 -9.72 -5.08 -0.65
N PRO A 193 -8.55 -5.66 -0.99
CA PRO A 193 -7.66 -4.99 -1.97
C PRO A 193 -8.26 -4.97 -3.41
N GLU A 194 -9.29 -5.78 -3.69
CA GLU A 194 -9.92 -5.80 -5.01
C GLU A 194 -10.84 -4.64 -5.26
N TRP A 195 -11.33 -3.98 -4.21
CA TRP A 195 -12.17 -2.82 -4.38
C TRP A 195 -11.30 -1.55 -4.60
N GLY A 196 -11.84 -0.59 -5.38
CA GLY A 196 -11.18 0.68 -5.61
C GLY A 196 -9.77 0.55 -6.12
N SER A 197 -8.89 1.41 -5.64
CA SER A 197 -7.52 1.42 -6.08
C SER A 197 -6.64 0.62 -5.11
N ASN A 198 -6.56 -0.70 -5.32
CA ASN A 198 -5.82 -1.59 -4.42
C ASN A 198 -6.38 -1.47 -2.98
N GLY A 199 -7.70 -1.13 -2.86
CA GLY A 199 -8.33 -1.06 -1.54
C GLY A 199 -8.40 0.35 -1.01
N TYR A 200 -7.87 1.32 -1.78
CA TYR A 200 -7.83 2.71 -1.38
C TYR A 200 -8.65 3.60 -2.31
N VAL A 201 -8.90 4.79 -1.84
CA VAL A 201 -9.64 5.79 -2.63
C VAL A 201 -9.08 7.16 -2.32
N LYS A 202 -9.04 8.04 -3.36
CA LYS A 202 -8.63 9.44 -3.20
C LYS A 202 -9.93 10.22 -3.14
N ILE A 203 -10.20 10.83 -2.01
CA ILE A 203 -11.45 11.56 -1.87
C ILE A 203 -11.10 13.05 -2.01
N ALA A 204 -11.96 13.79 -2.76
CA ALA A 204 -11.67 15.19 -2.99
C ALA A 204 -11.44 15.91 -1.70
N LYS A 205 -10.34 16.71 -1.66
CA LYS A 205 -10.02 17.39 -0.46
C LYS A 205 -10.19 18.91 -0.66
N ASP A 206 -10.46 19.59 0.42
CA ASP A 206 -10.70 21.04 0.45
C ASP A 206 -11.81 21.44 -0.53
N LYS A 207 -12.89 20.67 -0.51
CA LYS A 207 -14.05 20.87 -1.35
C LYS A 207 -15.24 20.83 -0.45
N ASN A 208 -15.21 21.66 0.55
CA ASN A 208 -16.23 21.79 1.54
C ASN A 208 -16.50 20.54 2.31
N ASN A 209 -15.46 19.92 2.82
CA ASN A 209 -15.60 18.70 3.58
C ASN A 209 -16.42 17.64 2.85
N HIS A 210 -15.99 17.29 1.65
CA HIS A 210 -16.66 16.31 0.83
C HIS A 210 -16.91 14.97 1.48
N CYS A 211 -18.13 14.54 1.47
CA CYS A 211 -18.58 13.28 2.06
C CYS A 211 -18.39 13.23 3.57
N GLY A 212 -18.20 14.36 4.20
CA GLY A 212 -18.02 14.44 5.64
C GLY A 212 -16.75 13.91 6.26
N ILE A 213 -15.74 13.82 5.48
CA ILE A 213 -14.45 13.33 5.93
C ILE A 213 -13.93 13.96 7.21
N ALA A 214 -14.13 15.23 7.39
CA ALA A 214 -13.67 15.90 8.57
C ALA A 214 -14.76 16.18 9.60
N THR A 215 -15.93 15.60 9.44
CA THR A 215 -17.01 15.81 10.38
C THR A 215 -16.86 15.06 11.68
N ALA A 216 -16.27 13.89 11.65
CA ALA A 216 -16.13 13.11 12.87
C ALA A 216 -14.83 12.30 12.89
N ALA A 217 -13.72 13.01 12.87
CA ALA A 217 -12.41 12.36 12.83
C ALA A 217 -11.80 12.30 14.19
N SER A 218 -11.08 11.24 14.49
CA SER A 218 -10.48 11.11 15.79
C SER A 218 -9.32 10.13 15.72
N TYR A 219 -8.51 10.12 16.79
CA TYR A 219 -7.39 9.21 16.88
C TYR A 219 -7.08 8.79 18.31
N PRO A 220 -6.60 7.56 18.50
CA PRO A 220 -6.29 7.15 19.89
C PRO A 220 -5.02 7.73 20.47
N ASN A 221 -5.01 7.91 21.81
CA ASN A 221 -3.83 8.43 22.51
C ASN A 221 -3.09 7.23 23.10
N VAL A 222 -1.86 6.96 22.66
CA VAL A 222 -1.14 5.80 23.16
C VAL A 222 0.07 6.14 24.06
N LEU B 2 5.74 -26.37 -4.04
CA LEU B 2 5.54 -24.91 -3.93
C LEU B 2 4.06 -24.47 -3.86
N PRO B 3 3.77 -23.31 -3.21
CA PRO B 3 2.37 -22.87 -3.12
C PRO B 3 1.76 -22.63 -4.52
N LYS B 4 0.44 -22.84 -4.68
CA LYS B 4 -0.20 -22.63 -5.97
C LYS B 4 -0.43 -21.13 -6.26
N SER B 5 -0.39 -20.31 -5.22
CA SER B 5 -0.51 -18.87 -5.40
C SER B 5 0.23 -18.13 -4.30
N VAL B 6 0.71 -16.94 -4.63
CA VAL B 6 1.51 -16.17 -3.71
C VAL B 6 1.22 -14.70 -3.97
N ASP B 7 1.06 -13.92 -2.91
CA ASP B 7 0.85 -12.48 -3.10
C ASP B 7 1.52 -11.78 -1.93
N TRP B 8 2.77 -11.27 -2.13
CA TRP B 8 3.52 -10.64 -1.08
C TRP B 8 2.90 -9.33 -0.54
N ARG B 9 1.97 -8.74 -1.30
CA ARG B 9 1.36 -7.51 -0.80
C ARG B 9 0.53 -7.87 0.43
N LYS B 10 0.00 -9.10 0.47
CA LYS B 10 -0.84 -9.44 1.63
C LYS B 10 -0.02 -9.61 2.92
N LYS B 11 1.30 -9.67 2.78
CA LYS B 11 2.20 -9.85 3.89
C LYS B 11 3.00 -8.64 4.36
N GLY B 12 2.72 -7.44 3.77
CA GLY B 12 3.42 -6.24 4.22
C GLY B 12 4.74 -5.87 3.53
N TYR B 13 5.06 -6.60 2.46
CA TYR B 13 6.35 -6.43 1.79
C TYR B 13 6.38 -5.37 0.69
N VAL B 14 5.21 -4.84 0.30
CA VAL B 14 5.17 -3.94 -0.87
C VAL B 14 4.61 -2.55 -0.58
N THR B 15 5.33 -1.52 -1.06
CA THR B 15 4.86 -0.14 -0.90
C THR B 15 3.78 0.20 -1.98
N PRO B 16 3.15 1.38 -1.86
CA PRO B 16 2.13 1.71 -2.88
C PRO B 16 2.74 1.84 -4.26
N VAL B 17 1.86 1.84 -5.26
CA VAL B 17 2.29 2.04 -6.65
C VAL B 17 2.82 3.44 -6.80
N LYS B 18 3.97 3.56 -7.45
CA LYS B 18 4.63 4.83 -7.66
C LYS B 18 4.58 5.18 -9.14
N ASN B 19 5.08 6.35 -9.50
CA ASN B 19 5.06 6.76 -10.90
C ASN B 19 6.33 7.41 -11.35
N GLN B 20 7.01 6.80 -12.30
CA GLN B 20 8.26 7.32 -12.82
C GLN B 20 8.09 8.57 -13.68
N LYS B 21 6.92 8.80 -14.14
CA LYS B 21 6.65 9.95 -14.97
C LYS B 21 7.56 9.98 -16.22
N GLN B 22 7.94 11.11 -16.69
CA GLN B 22 8.78 11.20 -17.86
C GLN B 22 10.24 11.08 -17.70
N CYS B 23 10.66 10.04 -17.13
CA CYS B 23 12.05 9.77 -16.88
C CYS B 23 12.22 8.27 -17.11
N GLY B 24 13.27 7.83 -17.82
CA GLY B 24 13.45 6.42 -18.05
C GLY B 24 14.09 5.75 -16.87
N SER B 25 13.41 5.77 -15.76
CA SER B 25 13.91 5.17 -14.56
C SER B 25 13.21 3.92 -14.02
N SER B 26 12.56 3.13 -14.85
CA SER B 26 11.89 1.93 -14.36
C SER B 26 12.84 1.03 -13.60
N TRP B 27 14.06 1.03 -14.01
CA TRP B 27 15.06 0.23 -13.37
C TRP B 27 15.24 0.63 -11.90
N ALA B 28 15.12 1.89 -11.58
CA ALA B 28 15.28 2.37 -10.21
C ALA B 28 14.06 1.93 -9.34
N PHE B 29 12.84 2.00 -9.91
CA PHE B 29 11.60 1.58 -9.19
C PHE B 29 11.61 0.04 -8.99
N SER B 30 12.09 -0.69 -10.00
CA SER B 30 12.14 -2.16 -9.83
C SER B 30 13.13 -2.47 -8.71
N ALA B 31 14.27 -1.78 -8.70
CA ALA B 31 15.27 -2.03 -7.66
C ALA B 31 14.79 -1.65 -6.26
N THR B 32 14.17 -0.47 -6.13
CA THR B 32 13.70 -0.11 -4.78
C THR B 32 12.58 -1.07 -4.42
N GLY B 33 11.72 -1.57 -5.31
CA GLY B 33 10.67 -2.51 -4.87
C GLY B 33 11.28 -3.75 -4.26
N ALA B 34 12.30 -4.27 -4.95
CA ALA B 34 12.96 -5.47 -4.43
C ALA B 34 13.69 -5.20 -3.11
N LEU B 35 14.38 -4.06 -2.95
CA LEU B 35 15.11 -3.74 -1.72
C LEU B 35 14.12 -3.48 -0.52
N GLU B 36 12.94 -2.85 -0.85
CA GLU B 36 11.91 -2.61 0.16
C GLU B 36 11.43 -3.93 0.72
N GLY B 37 11.18 -4.89 -0.18
CA GLY B 37 10.76 -6.21 0.27
C GLY B 37 11.80 -6.89 1.15
N GLN B 38 13.08 -6.84 0.75
CA GLN B 38 14.08 -7.54 1.59
C GLN B 38 14.35 -6.84 2.92
N MET B 39 14.30 -5.51 2.94
CA MET B 39 14.50 -4.76 4.15
C MET B 39 13.36 -5.04 5.10
N PHE B 40 12.16 -5.21 4.55
CA PHE B 40 11.02 -5.50 5.41
C PHE B 40 11.19 -6.86 6.03
N ARG B 41 11.61 -7.81 5.23
CA ARG B 41 11.79 -9.16 5.79
C ARG B 41 12.84 -9.17 6.89
N LYS B 42 13.87 -8.33 6.74
CA LYS B 42 14.93 -8.25 7.74
C LYS B 42 14.56 -7.51 9.04
N THR B 43 13.78 -6.42 8.95
CA THR B 43 13.52 -5.57 10.12
C THR B 43 12.05 -5.44 10.56
N GLY B 44 11.10 -5.81 9.70
CA GLY B 44 9.69 -5.62 10.01
C GLY B 44 9.19 -4.22 9.70
N LYS B 45 10.03 -3.35 9.10
CA LYS B 45 9.55 -2.02 8.77
C LYS B 45 9.54 -1.80 7.30
N LEU B 46 8.41 -1.43 6.77
CA LEU B 46 8.29 -1.15 5.34
C LEU B 46 8.53 0.30 5.13
N VAL B 47 9.63 0.64 4.46
CA VAL B 47 9.93 2.08 4.26
C VAL B 47 10.26 2.29 2.82
N SER B 48 9.56 3.26 2.22
CA SER B 48 9.79 3.54 0.80
C SER B 48 11.20 4.16 0.60
N LEU B 49 11.92 3.63 -0.41
CA LEU B 49 13.31 4.01 -0.72
C LEU B 49 13.33 5.01 -1.88
N SER B 50 14.44 5.70 -1.99
CA SER B 50 14.59 6.78 -2.96
C SER B 50 15.13 6.38 -4.34
N GLU B 51 14.22 6.43 -5.35
CA GLU B 51 14.58 6.23 -6.77
C GLU B 51 15.41 7.40 -7.17
N GLN B 52 15.14 8.59 -6.60
CA GLN B 52 15.96 9.74 -6.99
C GLN B 52 17.44 9.58 -6.64
N ASN B 53 17.71 8.98 -5.50
CA ASN B 53 19.04 8.72 -4.98
C ASN B 53 19.71 7.85 -6.06
N LEU B 54 19.01 6.82 -6.52
CA LEU B 54 19.57 5.94 -7.53
C LEU B 54 19.82 6.67 -8.85
N VAL B 55 18.87 7.46 -9.29
CA VAL B 55 18.96 8.23 -10.53
C VAL B 55 20.13 9.20 -10.52
N ASP B 56 20.25 10.00 -9.50
CA ASP B 56 21.34 10.95 -9.42
C ASP B 56 22.72 10.47 -9.10
N CYS B 57 22.81 9.41 -8.32
CA CYS B 57 24.05 8.83 -7.87
C CYS B 57 24.69 7.59 -8.48
N SER B 58 23.99 6.79 -9.23
CA SER B 58 24.62 5.60 -9.77
C SER B 58 25.27 5.53 -11.14
N ARG B 59 25.74 6.65 -11.62
CA ARG B 59 26.39 6.66 -12.91
C ARG B 59 27.74 5.97 -12.81
N PRO B 60 28.44 6.04 -11.69
CA PRO B 60 29.71 5.33 -11.68
C PRO B 60 29.53 3.84 -11.89
N GLN B 61 28.40 3.28 -11.48
CA GLN B 61 28.14 1.88 -11.63
C GLN B 61 27.59 1.51 -12.97
N GLY B 62 27.49 2.44 -13.87
CA GLY B 62 26.98 2.16 -15.18
C GLY B 62 25.55 2.51 -15.49
N ASN B 63 24.83 3.19 -14.61
CA ASN B 63 23.45 3.52 -14.94
C ASN B 63 23.45 4.88 -15.61
N GLN B 64 22.37 5.20 -16.29
CA GLN B 64 22.26 6.46 -16.98
C GLN B 64 21.07 7.33 -16.60
N GLY B 65 20.77 7.37 -15.33
CA GLY B 65 19.67 8.18 -14.85
C GLY B 65 18.39 8.06 -15.63
N CYS B 66 17.87 9.17 -16.08
CA CYS B 66 16.64 9.16 -16.84
C CYS B 66 16.78 8.56 -18.20
N ASN B 67 17.99 8.19 -18.60
CA ASN B 67 18.17 7.60 -19.90
C ASN B 67 18.27 6.10 -19.86
N GLY B 68 18.00 5.51 -18.73
CA GLY B 68 18.06 4.08 -18.62
C GLY B 68 19.05 3.52 -17.63
N GLY B 69 18.91 2.26 -17.31
CA GLY B 69 19.81 1.62 -16.36
C GLY B 69 19.43 0.20 -16.08
N PHE B 70 20.08 -0.41 -15.08
CA PHE B 70 19.85 -1.78 -14.70
C PHE B 70 19.69 -2.01 -13.23
N MET B 71 18.76 -2.87 -12.84
CA MET B 71 18.55 -3.14 -11.40
C MET B 71 19.81 -3.72 -10.74
N ALA B 72 20.52 -4.62 -11.49
CA ALA B 72 21.75 -5.17 -10.90
C ALA B 72 22.76 -4.04 -10.58
N ARG B 73 22.85 -2.98 -11.44
CA ARG B 73 23.78 -1.87 -11.22
C ARG B 73 23.31 -1.03 -10.02
N ALA B 74 21.95 -0.93 -9.83
CA ALA B 74 21.49 -0.21 -8.66
C ALA B 74 21.88 -0.94 -7.38
N PHE B 75 21.72 -2.27 -7.38
CA PHE B 75 22.09 -3.00 -6.17
C PHE B 75 23.57 -2.87 -5.93
N GLN B 76 24.34 -2.87 -7.02
CA GLN B 76 25.77 -2.61 -6.89
C GLN B 76 26.12 -1.27 -6.32
N TYR B 77 25.44 -0.18 -6.73
CA TYR B 77 25.68 1.08 -6.11
C TYR B 77 25.39 1.06 -4.59
N VAL B 78 24.23 0.45 -4.17
CA VAL B 78 23.91 0.40 -2.75
C VAL B 78 25.05 -0.26 -1.98
N LYS B 79 25.50 -1.40 -2.51
CA LYS B 79 26.67 -2.09 -1.87
C LYS B 79 27.92 -1.18 -1.73
N GLU B 80 28.39 -0.61 -2.86
CA GLU B 80 29.59 0.25 -2.87
C GLU B 80 29.50 1.55 -2.06
N ASN B 81 28.28 2.12 -1.99
CA ASN B 81 27.98 3.34 -1.31
C ASN B 81 27.74 3.12 0.15
N GLY B 82 27.40 1.88 0.54
CA GLY B 82 27.16 1.59 1.94
C GLY B 82 25.80 2.04 2.45
N GLY B 83 24.88 2.36 1.50
CA GLY B 83 23.57 2.84 1.92
C GLY B 83 22.69 3.40 0.81
N LEU B 84 21.42 3.70 1.17
CA LEU B 84 20.43 4.24 0.22
C LEU B 84 19.44 5.02 1.06
N ASP B 85 19.17 6.27 0.70
CA ASP B 85 18.27 7.14 1.43
C ASP B 85 16.79 6.79 1.26
N SER B 86 16.00 7.15 2.24
CA SER B 86 14.54 6.97 2.15
C SER B 86 13.94 7.93 1.12
N GLU B 87 12.76 7.59 0.59
CA GLU B 87 12.06 8.48 -0.30
C GLU B 87 11.72 9.78 0.46
N GLU B 88 11.32 9.68 1.74
CA GLU B 88 10.97 10.87 2.52
C GLU B 88 12.13 11.91 2.53
N SER B 89 13.33 11.41 2.73
CA SER B 89 14.50 12.29 2.77
C SER B 89 15.01 12.78 1.43
N TYR B 90 14.71 12.04 0.38
CA TYR B 90 15.27 12.36 -0.97
C TYR B 90 14.20 12.04 -1.99
N PRO B 91 13.30 12.98 -2.10
CA PRO B 91 12.17 12.81 -3.02
C PRO B 91 12.42 12.75 -4.52
N TYR B 92 11.45 12.14 -5.17
CA TYR B 92 11.50 11.94 -6.61
C TYR B 92 11.00 13.10 -7.42
N VAL B 93 11.81 13.61 -8.36
CA VAL B 93 11.42 14.73 -9.23
C VAL B 93 11.42 14.41 -10.73
N ALA B 94 11.71 13.14 -11.05
CA ALA B 94 11.66 12.68 -12.45
C ALA B 94 12.57 13.41 -13.47
N VAL B 95 13.74 13.78 -13.02
CA VAL B 95 14.76 14.45 -13.78
C VAL B 95 16.09 14.06 -13.22
N ASP B 96 17.11 14.09 -14.04
CA ASP B 96 18.45 13.75 -13.65
C ASP B 96 19.02 14.94 -12.86
N GLU B 97 19.44 14.74 -11.63
CA GLU B 97 19.98 15.86 -10.86
C GLU B 97 21.31 15.51 -10.18
N ILE B 98 21.87 16.46 -9.47
CA ILE B 98 23.11 16.23 -8.79
C ILE B 98 22.94 15.36 -7.57
N CYS B 99 23.83 14.43 -7.38
CA CYS B 99 23.79 13.52 -6.24
C CYS B 99 23.79 14.24 -4.89
N LYS B 100 22.82 13.91 -4.03
CA LYS B 100 22.73 14.53 -2.72
C LYS B 100 22.63 13.49 -1.61
N TYR B 101 23.22 12.37 -1.80
CA TYR B 101 23.17 11.33 -0.79
C TYR B 101 23.81 11.69 0.54
N ARG B 102 23.13 11.32 1.62
CA ARG B 102 23.56 11.57 2.98
C ARG B 102 23.48 10.28 3.74
N PRO B 103 24.58 9.85 4.34
CA PRO B 103 24.59 8.61 5.11
C PRO B 103 23.67 8.64 6.31
N GLU B 104 23.44 9.80 6.88
CA GLU B 104 22.57 9.94 8.05
C GLU B 104 21.10 9.63 7.76
N ASN B 105 20.69 9.68 6.49
CA ASN B 105 19.32 9.40 6.04
C ASN B 105 19.24 8.02 5.43
N SER B 106 20.33 7.26 5.49
CA SER B 106 20.26 5.92 4.90
C SER B 106 19.38 4.97 5.72
N VAL B 107 18.55 4.18 5.04
CA VAL B 107 17.68 3.20 5.67
C VAL B 107 17.77 1.82 5.03
N ALA B 108 18.73 1.61 4.08
CA ALA B 108 18.82 0.32 3.48
C ALA B 108 20.29 -0.01 3.11
N GLN B 109 20.63 -1.27 3.08
CA GLN B 109 21.99 -1.70 2.66
C GLN B 109 21.89 -3.04 1.94
N ASP B 110 22.84 -3.35 1.03
CA ASP B 110 22.87 -4.69 0.46
C ASP B 110 24.33 -5.13 0.25
N THR B 111 24.58 -6.45 0.12
CA THR B 111 25.96 -6.91 -0.08
C THR B 111 26.19 -7.41 -1.50
N GLY B 112 25.35 -7.00 -2.43
CA GLY B 112 25.42 -7.47 -3.80
C GLY B 112 24.04 -8.01 -4.12
N PHE B 113 23.96 -8.93 -5.06
CA PHE B 113 22.68 -9.47 -5.51
C PHE B 113 22.77 -10.91 -6.03
N THR B 114 21.61 -11.54 -6.23
CA THR B 114 21.52 -12.89 -6.75
C THR B 114 20.69 -12.91 -8.00
N VAL B 115 21.19 -13.58 -9.04
CA VAL B 115 20.49 -13.71 -10.31
C VAL B 115 19.74 -15.04 -10.38
N VAL B 116 18.48 -15.03 -10.80
CA VAL B 116 17.63 -16.21 -10.99
C VAL B 116 18.04 -16.91 -12.28
N ALA B 117 17.99 -18.27 -12.33
CA ALA B 117 18.37 -18.97 -13.56
C ALA B 117 17.72 -18.34 -14.81
N PRO B 118 18.53 -17.83 -15.77
CA PRO B 118 17.88 -17.22 -16.94
C PRO B 118 16.97 -18.04 -17.81
N GLY B 119 15.78 -17.47 -18.06
CA GLY B 119 14.78 -18.12 -18.91
C GLY B 119 13.95 -19.19 -18.23
N LYS B 120 14.21 -19.43 -16.93
CA LYS B 120 13.48 -20.50 -16.26
C LYS B 120 12.31 -20.08 -15.40
N GLU B 121 11.10 -20.13 -15.97
CA GLU B 121 9.94 -19.74 -15.16
C GLU B 121 9.84 -20.56 -13.89
N LYS B 122 10.34 -21.82 -13.88
CA LYS B 122 10.23 -22.49 -12.59
C LYS B 122 11.18 -22.03 -11.53
N ALA B 123 12.37 -21.54 -11.93
CA ALA B 123 13.32 -21.05 -10.98
C ALA B 123 12.72 -19.72 -10.49
N LEU B 124 12.09 -18.95 -11.40
CA LEU B 124 11.47 -17.68 -10.98
C LEU B 124 10.38 -17.95 -9.93
N MET B 125 9.53 -18.94 -10.18
CA MET B 125 8.46 -19.35 -9.25
C MET B 125 9.08 -19.74 -7.89
N LYS B 126 10.22 -20.48 -7.90
CA LYS B 126 10.84 -20.81 -6.63
C LYS B 126 11.38 -19.59 -5.87
N ALA B 127 11.99 -18.62 -6.59
CA ALA B 127 12.52 -17.45 -5.93
C ALA B 127 11.37 -16.59 -5.37
N VAL B 128 10.29 -16.42 -6.11
CA VAL B 128 9.14 -15.61 -5.63
C VAL B 128 8.53 -16.29 -4.38
N ALA B 129 8.36 -17.63 -4.44
CA ALA B 129 7.77 -18.33 -3.29
C ALA B 129 8.64 -18.30 -2.04
N THR B 130 9.97 -18.23 -2.18
CA THR B 130 10.88 -18.25 -1.04
C THR B 130 11.55 -16.95 -0.59
N VAL B 131 11.80 -15.97 -1.51
CA VAL B 131 12.53 -14.77 -1.14
C VAL B 131 11.64 -13.59 -0.86
N GLY B 132 10.62 -13.43 -1.69
CA GLY B 132 9.80 -12.22 -1.62
C GLY B 132 9.76 -11.62 -3.01
N PRO B 133 9.37 -10.32 -3.14
CA PRO B 133 9.34 -9.72 -4.50
C PRO B 133 10.68 -9.73 -5.25
N ILE B 134 10.62 -9.97 -6.57
CA ILE B 134 11.81 -10.09 -7.43
C ILE B 134 11.79 -9.04 -8.56
N SER B 135 12.93 -8.46 -8.82
CA SER B 135 13.06 -7.46 -9.89
C SER B 135 13.19 -8.22 -11.20
N VAL B 136 12.44 -7.83 -12.20
CA VAL B 136 12.54 -8.51 -13.50
C VAL B 136 12.52 -7.48 -14.58
N ALA B 137 13.05 -7.83 -15.75
CA ALA B 137 12.96 -6.97 -16.93
C ALA B 137 11.97 -7.60 -17.89
N MET B 138 11.25 -6.79 -18.71
CA MET B 138 10.29 -7.33 -19.65
C MET B 138 10.25 -6.48 -20.88
N ASP B 139 9.59 -7.02 -21.91
CA ASP B 139 9.35 -6.30 -23.15
C ASP B 139 7.99 -5.61 -22.97
N ALA B 140 8.00 -4.31 -22.65
CA ALA B 140 6.79 -3.50 -22.43
C ALA B 140 6.55 -2.64 -23.63
N GLY B 141 7.32 -2.85 -24.71
CA GLY B 141 7.17 -1.98 -25.88
C GLY B 141 6.06 -2.25 -26.87
N HIS B 142 4.84 -2.34 -26.40
CA HIS B 142 3.66 -2.61 -27.22
C HIS B 142 2.51 -1.75 -26.80
N SER B 143 1.69 -1.30 -27.77
CA SER B 143 0.53 -0.50 -27.42
C SER B 143 -0.46 -1.30 -26.58
N SER B 144 -0.49 -2.62 -26.77
CA SER B 144 -1.41 -3.43 -25.96
C SER B 144 -1.08 -3.33 -24.42
N PHE B 145 0.20 -3.06 -24.09
CA PHE B 145 0.62 -2.93 -22.67
C PHE B 145 0.31 -1.55 -22.15
N GLN B 146 0.55 -0.54 -23.00
CA GLN B 146 0.19 0.81 -22.62
C GLN B 146 -1.29 0.93 -22.28
N PHE B 147 -2.15 0.20 -23.05
CA PHE B 147 -3.58 0.30 -22.88
C PHE B 147 -4.20 -0.81 -22.09
N TYR B 148 -3.37 -1.66 -21.50
CA TYR B 148 -3.89 -2.75 -20.70
C TYR B 148 -4.79 -2.26 -19.55
N LYS B 149 -5.89 -2.99 -19.31
CA LYS B 149 -6.79 -2.66 -18.21
C LYS B 149 -7.07 -3.75 -17.22
N SER B 150 -7.27 -4.95 -17.73
CA SER B 150 -7.61 -6.04 -16.84
C SER B 150 -7.40 -7.34 -17.51
N GLY B 151 -7.44 -8.38 -16.69
CA GLY B 151 -7.27 -9.73 -17.19
C GLY B 151 -5.84 -10.21 -17.34
N ILE B 152 -5.67 -11.33 -18.00
CA ILE B 152 -4.34 -11.88 -18.20
C ILE B 152 -3.76 -11.35 -19.48
N TYR B 153 -2.65 -10.66 -19.36
CA TYR B 153 -1.98 -10.08 -20.52
C TYR B 153 -1.19 -11.07 -21.37
N PHE B 154 -1.47 -11.12 -22.65
CA PHE B 154 -0.75 -12.01 -23.54
C PHE B 154 -0.67 -11.24 -24.83
N GLU B 155 0.52 -11.01 -25.30
CA GLU B 155 0.70 -10.28 -26.52
C GLU B 155 1.52 -11.06 -27.49
N PRO B 156 0.93 -11.46 -28.61
CA PRO B 156 1.67 -12.22 -29.60
C PRO B 156 3.01 -11.67 -30.05
N ASP B 157 3.20 -10.37 -30.18
CA ASP B 157 4.49 -9.84 -30.61
C ASP B 157 5.49 -9.64 -29.49
N CYS B 158 5.17 -10.07 -28.28
CA CYS B 158 6.07 -9.91 -27.16
C CYS B 158 7.34 -10.72 -27.29
N SER B 159 8.47 -10.14 -26.95
CA SER B 159 9.76 -10.80 -27.04
C SER B 159 10.28 -11.29 -25.70
N SER B 160 10.90 -12.43 -25.68
CA SER B 160 11.45 -12.99 -24.47
C SER B 160 12.88 -12.58 -24.28
N LYS B 161 13.47 -11.94 -25.27
CA LYS B 161 14.84 -11.50 -25.19
C LYS B 161 15.15 -10.01 -25.41
N ASN B 162 14.34 -9.29 -26.17
CA ASN B 162 14.55 -7.87 -26.42
C ASN B 162 13.68 -7.22 -25.35
N LEU B 163 14.33 -6.86 -24.30
CA LEU B 163 13.66 -6.24 -23.12
C LEU B 163 13.92 -4.76 -22.93
N ASP B 164 12.95 -4.01 -22.35
CA ASP B 164 13.15 -2.55 -22.27
C ASP B 164 12.57 -1.92 -21.02
N HIS B 165 12.02 -2.70 -20.10
CA HIS B 165 11.36 -2.06 -18.93
C HIS B 165 11.56 -2.94 -17.68
N GLY B 166 11.92 -2.31 -16.54
CA GLY B 166 12.09 -3.03 -15.27
C GLY B 166 10.79 -2.93 -14.47
N VAL B 167 10.36 -4.08 -13.91
CA VAL B 167 9.14 -4.19 -13.11
C VAL B 167 9.40 -5.08 -11.88
N LEU B 168 8.38 -5.36 -11.08
CA LEU B 168 8.59 -6.14 -9.85
C LEU B 168 7.55 -7.25 -9.81
N VAL B 169 8.00 -8.51 -9.74
CA VAL B 169 7.01 -9.55 -9.58
C VAL B 169 6.76 -9.72 -8.09
N VAL B 170 5.51 -9.55 -7.64
CA VAL B 170 5.14 -9.65 -6.23
C VAL B 170 4.39 -10.92 -5.93
N GLY B 171 4.20 -11.78 -6.92
CA GLY B 171 3.51 -13.06 -6.67
C GLY B 171 3.09 -13.70 -7.96
N TYR B 172 2.24 -14.75 -7.86
CA TYR B 172 1.72 -15.43 -9.03
C TYR B 172 0.43 -16.14 -8.61
N GLY B 173 -0.30 -16.63 -9.57
CA GLY B 173 -1.56 -17.28 -9.23
C GLY B 173 -2.21 -17.82 -10.48
N PHE B 174 -3.52 -18.01 -10.40
CA PHE B 174 -4.29 -18.53 -11.52
C PHE B 174 -5.68 -17.98 -11.47
N GLU B 175 -6.38 -17.98 -12.58
CA GLU B 175 -7.73 -17.48 -12.63
C GLU B 175 -8.58 -18.72 -12.85
N GLY B 176 -9.80 -18.71 -12.38
CA GLY B 176 -10.62 -19.90 -12.58
C GLY B 176 -10.51 -21.01 -11.57
N ALA B 177 -10.96 -22.18 -12.00
CA ALA B 177 -10.94 -23.35 -11.13
C ALA B 177 -9.73 -24.23 -10.96
N ASN B 178 -8.95 -24.49 -11.98
CA ASN B 178 -7.80 -25.36 -11.72
C ASN B 178 -6.44 -24.62 -11.60
N SER B 179 -5.62 -25.03 -10.66
CA SER B 179 -4.33 -24.43 -10.43
C SER B 179 -3.36 -24.37 -11.60
N GLN B 180 -3.74 -24.93 -12.74
CA GLN B 180 -2.87 -24.91 -13.91
C GLN B 180 -3.49 -24.28 -15.12
N ASN B 181 -4.63 -23.70 -14.95
CA ASN B 181 -5.24 -23.08 -16.09
C ASN B 181 -5.22 -21.59 -15.79
N SER B 182 -4.84 -20.81 -16.79
CA SER B 182 -4.79 -19.38 -16.64
C SER B 182 -3.88 -18.93 -15.57
N LYS B 183 -2.67 -19.31 -15.66
CA LYS B 183 -1.70 -18.92 -14.66
C LYS B 183 -1.12 -17.55 -15.01
N TYR B 184 -0.67 -16.82 -14.02
CA TYR B 184 -0.12 -15.51 -14.28
C TYR B 184 0.87 -15.09 -13.24
N TRP B 185 1.66 -14.08 -13.60
CA TRP B 185 2.67 -13.50 -12.74
C TRP B 185 2.00 -12.18 -12.28
N LEU B 186 2.07 -11.85 -11.02
CA LEU B 186 1.48 -10.63 -10.46
C LEU B 186 2.62 -9.61 -10.51
N VAL B 187 2.50 -8.60 -11.36
CA VAL B 187 3.49 -7.56 -11.54
C VAL B 187 3.14 -6.13 -11.18
N LYS B 188 3.99 -5.47 -10.43
CA LYS B 188 3.83 -4.10 -9.99
C LYS B 188 4.58 -3.23 -10.98
N ASN B 189 3.92 -2.27 -11.59
CA ASN B 189 4.56 -1.38 -12.55
C ASN B 189 4.85 -0.05 -11.85
N SER B 190 5.47 0.89 -12.54
CA SER B 190 5.79 2.19 -11.99
C SER B 190 5.20 3.31 -12.87
N TRP B 191 4.00 3.12 -13.34
CA TRP B 191 3.31 4.08 -14.16
C TRP B 191 2.11 4.72 -13.50
N GLY B 192 2.12 4.69 -12.19
CA GLY B 192 1.03 5.27 -11.43
C GLY B 192 -0.11 4.32 -11.24
N PRO B 193 -1.01 4.66 -10.33
CA PRO B 193 -2.14 3.78 -10.10
C PRO B 193 -3.22 3.92 -11.12
N GLU B 194 -3.15 4.87 -12.03
CA GLU B 194 -4.20 5.00 -13.03
C GLU B 194 -3.96 4.03 -14.18
N TRP B 195 -2.73 3.59 -14.39
CA TRP B 195 -2.43 2.66 -15.48
C TRP B 195 -2.79 1.23 -15.12
N GLY B 196 -3.16 0.44 -16.12
CA GLY B 196 -3.52 -0.94 -15.90
C GLY B 196 -4.56 -1.22 -14.85
N SER B 197 -4.37 -2.30 -14.12
CA SER B 197 -5.26 -2.75 -13.06
C SER B 197 -4.75 -2.08 -11.78
N ASN B 198 -5.02 -0.83 -11.66
CA ASN B 198 -4.61 -0.01 -10.53
C ASN B 198 -3.09 -0.11 -10.29
N GLY B 199 -2.33 -0.01 -11.42
CA GLY B 199 -0.87 -0.01 -11.34
C GLY B 199 -0.23 -1.38 -11.48
N TYR B 200 -1.03 -2.45 -11.46
CA TYR B 200 -0.56 -3.82 -11.60
C TYR B 200 -0.98 -4.47 -12.92
N VAL B 201 -0.36 -5.60 -13.23
CA VAL B 201 -0.72 -6.33 -14.45
C VAL B 201 -0.49 -7.79 -14.19
N LYS B 202 -1.40 -8.60 -14.70
CA LYS B 202 -1.24 -10.05 -14.62
C LYS B 202 -0.60 -10.49 -16.00
N ILE B 203 0.60 -11.01 -15.99
CA ILE B 203 1.23 -11.50 -17.26
C ILE B 203 1.14 -13.00 -17.33
N ALA B 204 0.78 -13.48 -18.51
CA ALA B 204 0.64 -14.92 -18.73
C ALA B 204 1.86 -15.65 -18.21
N LYS B 205 1.63 -16.69 -17.38
CA LYS B 205 2.69 -17.45 -16.82
C LYS B 205 2.71 -18.89 -17.42
N ASP B 206 3.90 -19.44 -17.51
CA ASP B 206 4.17 -20.78 -18.02
C ASP B 206 3.73 -20.92 -19.48
N LYS B 207 4.03 -19.86 -20.23
CA LYS B 207 3.73 -19.79 -21.63
C LYS B 207 4.93 -19.35 -22.38
N ASN B 208 5.98 -20.14 -22.20
CA ASN B 208 7.25 -19.92 -22.83
C ASN B 208 7.89 -18.60 -22.48
N ASN B 209 7.97 -18.28 -21.17
CA ASN B 209 8.54 -17.06 -20.65
C ASN B 209 8.06 -15.82 -21.40
N HIS B 210 6.77 -15.59 -21.40
CA HIS B 210 6.13 -14.47 -22.06
C HIS B 210 6.64 -13.11 -21.67
N CYS B 211 7.00 -12.33 -22.67
CA CYS B 211 7.51 -10.97 -22.51
C CYS B 211 8.84 -10.95 -21.77
N GLY B 212 9.47 -12.10 -21.62
CA GLY B 212 10.74 -12.22 -20.95
C GLY B 212 10.85 -12.08 -19.44
N ILE B 213 9.76 -12.26 -18.72
CA ILE B 213 9.75 -12.13 -17.28
C ILE B 213 10.85 -12.87 -16.56
N ALA B 214 11.19 -14.03 -17.00
CA ALA B 214 12.23 -14.80 -16.35
C ALA B 214 13.63 -14.68 -16.96
N THR B 215 13.79 -13.85 -17.95
CA THR B 215 15.09 -13.69 -18.56
C THR B 215 16.18 -12.96 -17.82
N ALA B 216 15.82 -11.96 -17.02
CA ALA B 216 16.83 -11.17 -16.30
C ALA B 216 16.26 -10.77 -14.94
N ALA B 217 16.02 -11.78 -14.15
CA ALA B 217 15.43 -11.58 -12.82
C ALA B 217 16.50 -11.59 -11.74
N SER B 218 16.35 -10.75 -10.69
CA SER B 218 17.32 -10.73 -9.64
C SER B 218 16.77 -10.15 -8.37
N TYR B 219 17.53 -10.29 -7.29
CA TYR B 219 17.15 -9.72 -6.01
C TYR B 219 18.37 -9.33 -5.14
N PRO B 220 18.26 -8.28 -4.32
CA PRO B 220 19.39 -7.87 -3.49
C PRO B 220 19.58 -8.79 -2.27
N ASN B 221 20.84 -8.89 -1.84
CA ASN B 221 21.23 -9.73 -0.70
C ASN B 221 21.35 -8.80 0.49
N VAL B 222 20.48 -8.98 1.51
CA VAL B 222 20.52 -8.10 2.67
C VAL B 222 20.91 -8.85 3.99
N ILE C 1 -23.30 8.24 19.26
CA ILE C 1 -23.06 8.33 17.85
C ILE C 1 -22.69 6.96 17.30
N ILE C 2 -23.38 6.51 16.29
CA ILE C 2 -23.01 5.22 15.78
C ILE C 2 -23.29 5.22 14.32
N LEU C 3 -22.44 4.58 13.58
CA LEU C 3 -22.62 4.50 12.16
C LEU C 3 -23.51 3.29 11.92
N LYS C 4 -24.68 3.50 11.38
CA LYS C 4 -25.58 2.38 11.13
C LYS C 4 -25.16 1.77 9.83
N GLU C 5 -24.48 0.67 9.94
CA GLU C 5 -23.96 -0.05 8.80
C GLU C 5 -24.76 -1.16 8.20
N LYS C 6 -25.78 -1.66 8.90
CA LYS C 6 -26.60 -2.75 8.38
C LYS C 6 -28.05 -2.66 8.92
N GLU D 1 19.87 -1.04 -21.75
CA GLU D 1 19.33 -0.52 -20.50
C GLU D 1 17.80 -0.54 -20.46
N TYR D 2 17.18 -0.44 -19.27
CA TYR D 2 15.71 -0.42 -19.27
C TYR D 2 15.25 0.95 -18.93
N SER D 3 14.12 1.36 -19.50
CA SER D 3 13.63 2.70 -19.25
C SER D 3 12.26 2.59 -18.58
N ILE E 1 -20.71 0.80 6.18
CA ILE E 1 -21.61 -0.03 5.40
C ILE E 1 -20.87 -1.16 4.67
N ILE E 2 -21.62 -2.19 4.26
CA ILE E 2 -21.06 -3.32 3.54
C ILE E 2 -21.05 -3.09 2.04
N LEU E 3 -20.10 -3.73 1.34
CA LEU E 3 -20.04 -3.59 -0.10
C LEU E 3 -21.18 -4.35 -0.78
C1 GOL F . -9.97 -6.05 33.03
O1 GOL F . -8.84 -5.33 32.56
C2 GOL F . -10.86 -6.51 31.89
O2 GOL F . -10.12 -7.38 31.03
C3 GOL F . -12.08 -7.25 32.41
O3 GOL F . -12.89 -7.71 31.35
C1 GOL G . -7.09 -21.14 17.29
O1 GOL G . -5.90 -21.26 16.51
C2 GOL G . -7.67 -19.74 17.13
O2 GOL G . -8.71 -19.56 18.11
C3 GOL G . -6.57 -18.74 17.37
O3 GOL G . -5.94 -19.03 18.59
C1 MPD H . 3.73 5.04 -20.73
C2 MPD H . 2.75 5.77 -19.80
O2 MPD H . 2.43 7.04 -20.35
CM MPD H . 1.47 4.95 -19.68
C3 MPD H . 3.35 5.98 -18.40
C4 MPD H . 4.54 6.90 -18.26
O4 MPD H . 4.13 8.24 -18.53
C5 MPD H . 5.07 6.87 -16.84
C1 MPD I . 8.87 0.66 -24.29
C2 MPD I . 8.64 1.37 -22.99
O2 MPD I . 9.43 0.76 -21.97
CM MPD I . 9.02 2.84 -23.09
C3 MPD I . 7.16 1.25 -22.60
C4 MPD I . 6.13 1.94 -23.47
O4 MPD I . 6.18 3.35 -23.23
C5 MPD I . 6.32 1.65 -24.95
#